data_7K2I
#
_entry.id   7K2I
#
_cell.length_a   77.183
_cell.length_b   68.618
_cell.length_c   143.534
_cell.angle_alpha   90.000
_cell.angle_beta   90.880
_cell.angle_gamma   90.000
#
_symmetry.space_group_name_H-M   'I 1 2 1'
#
loop_
_entity.id
_entity.type
_entity.pdbx_description
1 polymer 'Kelch-like ECH-associated protein 1'
2 polymer 'Nrf2 cyclic peptide,c[GAPETGE]'
3 water water
#
loop_
_entity_poly.entity_id
_entity_poly.type
_entity_poly.pdbx_seq_one_letter_code
_entity_poly.pdbx_strand_id
1 'polypeptide(L)'
;VGRLIYTAGGYFRQSLSYLEAYNPSDGTWLRLADLQVPRSGLAGCVVGGLLYAVGGRNNSPDGNTDSSALDCYNPMTNQW
SPCAPMSVPRNRIGVGVIDGHIYAVGGSHGCIHHNSVERYEPERDEWHLVAPMLTRRIGVGVAVLNRLLYAVGGFDGTNR
LNSAECYYPERNEWRMITAMNTIRSGAGVCVLHNCIYAAGGYDGQDQLNSVERYDVETETWTFVAPMKHRRSALGITVHQ
GRIYVLGGYDGHTFLDSVECYDPDTDTWSEVTRMTSGRSGVGVAVTMEPSRKQIDQQNSTS
;
A,B
2 'polypeptide(L)' GAPETGE P
#
# COMPACT_ATOMS: atom_id res chain seq x y z
N GLY A 2 12.39 -11.48 -18.32
CA GLY A 2 13.27 -10.40 -18.75
C GLY A 2 12.55 -9.07 -18.91
N ARG A 3 13.01 -8.03 -18.21
N ARG A 3 13.03 -8.04 -18.20
CA ARG A 3 12.38 -6.73 -18.27
CA ARG A 3 12.44 -6.72 -18.23
C ARG A 3 13.40 -5.67 -18.68
C ARG A 3 13.44 -5.71 -18.76
N LEU A 4 12.95 -4.74 -19.52
CA LEU A 4 13.77 -3.67 -20.06
C LEU A 4 13.30 -2.32 -19.54
N ILE A 5 14.22 -1.36 -19.54
CA ILE A 5 13.93 0.05 -19.27
C ILE A 5 13.61 0.72 -20.60
N TYR A 6 12.35 1.07 -20.80
CA TYR A 6 11.88 1.71 -22.02
C TYR A 6 11.84 3.21 -21.84
N THR A 7 12.37 3.96 -22.81
CA THR A 7 12.21 5.41 -22.85
C THR A 7 11.43 5.79 -24.10
N ALA A 8 10.34 6.54 -23.93
CA ALA A 8 9.55 7.02 -25.06
C ALA A 8 9.62 8.54 -25.23
N GLY A 9 9.79 8.98 -26.48
CA GLY A 9 9.65 10.39 -26.79
C GLY A 9 10.85 11.20 -26.33
N GLY A 10 10.60 12.44 -25.95
CA GLY A 10 11.65 13.33 -25.48
C GLY A 10 11.84 14.53 -26.40
N TYR A 11 12.74 15.39 -25.98
CA TYR A 11 13.05 16.62 -26.68
C TYR A 11 14.55 16.71 -26.95
N PHE A 12 14.91 17.03 -28.19
CA PHE A 12 16.25 17.50 -28.52
C PHE A 12 16.10 18.36 -29.77
N ARG A 13 16.11 19.69 -29.58
CA ARG A 13 15.88 20.66 -30.66
CA ARG A 13 15.88 20.67 -30.65
C ARG A 13 14.47 20.56 -31.23
N GLN A 14 13.81 19.41 -31.03
CA GLN A 14 12.40 19.24 -31.36
C GLN A 14 11.90 18.01 -30.62
N SER A 15 10.59 17.79 -30.67
CA SER A 15 10.01 16.62 -30.04
C SER A 15 10.43 15.34 -30.78
N LEU A 16 10.47 14.23 -30.06
CA LEU A 16 11.04 12.99 -30.59
C LEU A 16 10.02 11.86 -30.62
N SER A 17 10.22 10.91 -31.53
CA SER A 17 9.40 9.71 -31.64
C SER A 17 10.10 8.45 -31.15
N TYR A 18 11.31 8.55 -30.59
CA TYR A 18 12.06 7.36 -30.27
C TYR A 18 11.33 6.52 -29.23
N LEU A 19 11.35 5.21 -29.42
CA LEU A 19 11.02 4.23 -28.37
C LEU A 19 12.20 3.29 -28.28
N GLU A 20 12.95 3.37 -27.19
CA GLU A 20 14.15 2.59 -27.02
C GLU A 20 14.13 1.89 -25.66
N ALA A 21 14.75 0.72 -25.59
CA ALA A 21 14.63 -0.12 -24.41
C ALA A 21 16.02 -0.56 -24.00
N TYR A 22 16.41 -0.21 -22.77
CA TYR A 22 17.74 -0.47 -22.26
C TYR A 22 17.77 -1.80 -21.51
N ASN A 23 18.80 -2.59 -21.77
CA ASN A 23 18.95 -3.87 -21.10
C ASN A 23 20.08 -3.73 -20.09
N PRO A 24 19.78 -3.56 -18.80
CA PRO A 24 20.84 -3.29 -17.82
C PRO A 24 21.88 -4.37 -17.76
N SER A 25 21.61 -5.57 -18.26
CA SER A 25 22.60 -6.66 -18.19
CA SER A 25 22.59 -6.65 -18.20
C SER A 25 23.57 -6.63 -19.36
N ASP A 26 23.07 -6.61 -20.60
CA ASP A 26 24.00 -6.76 -21.73
C ASP A 26 24.39 -5.43 -22.36
N GLY A 27 23.73 -4.33 -21.96
CA GLY A 27 24.17 -2.99 -22.29
C GLY A 27 23.48 -2.36 -23.47
N THR A 28 22.63 -3.10 -24.17
CA THR A 28 22.10 -2.69 -25.46
C THR A 28 20.88 -1.78 -25.31
N TRP A 29 20.68 -0.94 -26.32
CA TRP A 29 19.43 -0.22 -26.52
C TRP A 29 18.76 -0.83 -27.74
N LEU A 30 17.56 -1.35 -27.58
CA LEU A 30 16.82 -1.80 -28.74
C LEU A 30 16.05 -0.61 -29.33
N ARG A 31 16.07 -0.51 -30.65
CA ARG A 31 15.22 0.46 -31.35
C ARG A 31 13.89 -0.22 -31.66
N LEU A 32 12.82 0.31 -31.08
CA LEU A 32 11.49 -0.27 -31.26
C LEU A 32 10.64 0.65 -32.12
N ALA A 33 9.35 0.34 -32.22
CA ALA A 33 8.45 1.12 -33.07
C ALA A 33 8.30 2.56 -32.58
N ASP A 34 8.42 3.51 -33.51
CA ASP A 34 8.33 4.92 -33.17
C ASP A 34 6.95 5.27 -32.63
N LEU A 35 6.91 6.26 -31.75
CA LEU A 35 5.61 6.85 -31.38
C LEU A 35 4.90 7.35 -32.62
N GLN A 36 3.57 7.20 -32.62
CA GLN A 36 2.76 7.72 -33.71
C GLN A 36 3.03 9.21 -33.95
N VAL A 37 3.20 9.97 -32.87
CA VAL A 37 3.37 11.42 -32.91
C VAL A 37 4.60 11.75 -32.09
N PRO A 38 5.56 12.53 -32.60
CA PRO A 38 6.67 12.99 -31.76
C PRO A 38 6.13 13.78 -30.57
N ARG A 39 6.62 13.45 -29.39
CA ARG A 39 6.10 14.04 -28.16
C ARG A 39 7.22 14.21 -27.14
N SER A 40 7.23 15.35 -26.48
CA SER A 40 8.09 15.61 -25.33
C SER A 40 7.20 16.01 -24.16
N GLY A 41 7.80 15.98 -22.97
CA GLY A 41 7.12 16.27 -21.71
C GLY A 41 6.04 15.29 -21.32
N LEU A 42 6.07 14.07 -21.83
CA LEU A 42 5.07 13.06 -21.54
C LEU A 42 5.48 12.20 -20.34
N ALA A 43 4.57 11.37 -19.88
CA ALA A 43 4.90 10.35 -18.88
C ALA A 43 4.69 8.96 -19.46
N GLY A 44 5.42 8.01 -18.91
CA GLY A 44 5.19 6.60 -19.21
C GLY A 44 4.77 5.84 -17.95
N CYS A 45 4.03 4.76 -18.16
CA CYS A 45 3.72 3.83 -17.07
C CYS A 45 3.41 2.48 -17.70
N VAL A 46 3.17 1.50 -16.85
CA VAL A 46 2.92 0.14 -17.31
C VAL A 46 1.74 -0.43 -16.53
N VAL A 47 0.73 -0.87 -17.24
CA VAL A 47 -0.38 -1.61 -16.63
C VAL A 47 -0.57 -2.89 -17.45
N GLY A 48 -0.67 -4.01 -16.75
CA GLY A 48 -0.88 -5.30 -17.41
C GLY A 48 0.18 -5.63 -18.45
N GLY A 49 1.44 -5.28 -18.19
CA GLY A 49 2.48 -5.48 -19.16
C GLY A 49 2.48 -4.53 -20.33
N LEU A 50 1.44 -3.72 -20.54
CA LEU A 50 1.40 -2.75 -21.62
C LEU A 50 2.05 -1.43 -21.19
N LEU A 51 2.86 -0.87 -22.08
CA LEU A 51 3.52 0.40 -21.82
C LEU A 51 2.65 1.54 -22.35
N TYR A 52 2.28 2.48 -21.47
CA TYR A 52 1.44 3.61 -21.84
C TYR A 52 2.26 4.89 -21.95
N ALA A 53 1.96 5.71 -22.96
CA ALA A 53 2.57 7.04 -23.10
C ALA A 53 1.47 8.08 -23.02
N VAL A 54 1.57 8.98 -22.05
CA VAL A 54 0.48 9.86 -21.63
C VAL A 54 0.89 11.33 -21.83
N GLY A 55 0.10 12.06 -22.61
CA GLY A 55 0.22 13.50 -22.70
C GLY A 55 1.46 13.98 -23.41
N GLY A 56 1.98 15.10 -22.95
CA GLY A 56 3.13 15.75 -23.52
C GLY A 56 2.77 16.84 -24.52
N ARG A 57 3.72 17.11 -25.41
CA ARG A 57 3.58 18.16 -26.39
C ARG A 57 4.30 17.74 -27.67
N ASN A 58 3.68 18.01 -28.82
CA ASN A 58 4.30 17.81 -30.14
C ASN A 58 4.86 19.16 -30.56
N ASN A 59 6.17 19.33 -30.42
CA ASN A 59 6.85 20.58 -30.74
C ASN A 59 7.75 20.34 -31.95
N SER A 60 7.13 20.27 -33.11
CA SER A 60 7.81 20.04 -34.38
C SER A 60 8.03 21.37 -35.10
N PRO A 61 9.01 21.44 -36.00
CA PRO A 61 9.29 22.72 -36.69
C PRO A 61 8.12 23.28 -37.49
N ASP A 62 7.01 22.55 -37.60
CA ASP A 62 5.79 23.06 -38.21
C ASP A 62 4.77 23.57 -37.19
N GLY A 63 4.78 23.03 -35.97
CA GLY A 63 3.81 23.47 -35.00
C GLY A 63 4.03 22.99 -33.57
N ASN A 64 3.66 23.83 -32.63
CA ASN A 64 3.61 23.47 -31.22
C ASN A 64 2.16 23.13 -30.89
N THR A 65 1.96 21.94 -30.30
CA THR A 65 0.67 21.62 -29.71
C THR A 65 0.87 20.73 -28.50
N ASP A 66 0.26 21.11 -27.38
CA ASP A 66 0.15 20.19 -26.27
C ASP A 66 -0.74 19.00 -26.64
N SER A 67 -0.55 17.88 -25.96
CA SER A 67 -1.23 16.64 -26.31
C SER A 67 -2.00 16.11 -25.10
N SER A 68 -3.25 15.74 -25.34
CA SER A 68 -4.04 14.95 -24.40
C SER A 68 -3.96 13.44 -24.66
N ALA A 69 -3.12 12.99 -25.59
CA ALA A 69 -3.26 11.65 -26.13
C ALA A 69 -2.81 10.60 -25.13
N LEU A 70 -3.42 9.41 -25.25
CA LEU A 70 -2.97 8.24 -24.51
C LEU A 70 -2.74 7.13 -25.52
N ASP A 71 -1.52 6.60 -25.55
CA ASP A 71 -1.14 5.61 -26.53
C ASP A 71 -0.49 4.42 -25.83
N CYS A 72 -0.60 3.26 -26.47
CA CYS A 72 -0.40 1.97 -25.84
C CYS A 72 0.57 1.14 -26.67
N TYR A 73 1.67 0.71 -26.06
CA TYR A 73 2.69 -0.07 -26.76
C TYR A 73 2.72 -1.49 -26.23
N ASN A 74 2.67 -2.47 -27.13
CA ASN A 74 2.70 -3.90 -26.75
C ASN A 74 4.02 -4.52 -27.16
N PRO A 75 4.84 -5.00 -26.22
CA PRO A 75 6.11 -5.64 -26.62
C PRO A 75 5.93 -6.97 -27.34
N MET A 76 4.83 -7.71 -27.11
CA MET A 76 4.62 -8.95 -27.87
C MET A 76 4.38 -8.71 -29.34
N THR A 77 3.81 -7.57 -29.71
CA THR A 77 3.61 -7.26 -31.12
C THR A 77 4.56 -6.20 -31.64
N ASN A 78 5.30 -5.54 -30.74
CA ASN A 78 6.07 -4.34 -31.05
C ASN A 78 5.22 -3.34 -31.83
N GLN A 79 4.07 -3.00 -31.25
CA GLN A 79 3.12 -2.14 -31.93
C GLN A 79 2.46 -1.17 -30.97
N TRP A 80 2.18 0.04 -31.49
CA TRP A 80 1.49 1.11 -30.79
C TRP A 80 0.03 1.10 -31.22
N SER A 81 -0.85 1.36 -30.28
CA SER A 81 -2.26 1.48 -30.57
C SER A 81 -2.77 2.67 -29.78
N PRO A 82 -3.63 3.50 -30.36
CA PRO A 82 -4.19 4.62 -29.59
C PRO A 82 -5.12 4.13 -28.51
N CYS A 83 -5.25 4.96 -27.50
CA CYS A 83 -6.31 4.87 -26.50
C CYS A 83 -7.21 6.09 -26.60
N ALA A 84 -8.26 6.10 -25.80
CA ALA A 84 -9.06 7.29 -25.62
C ALA A 84 -8.22 8.40 -24.96
N PRO A 85 -8.39 9.64 -25.37
CA PRO A 85 -7.59 10.74 -24.80
C PRO A 85 -8.12 11.28 -23.48
N MET A 86 -7.22 11.93 -22.73
CA MET A 86 -7.63 12.76 -21.60
C MET A 86 -8.56 13.87 -22.06
N SER A 87 -9.26 14.46 -21.08
CA SER A 87 -10.20 15.54 -21.38
C SER A 87 -9.51 16.85 -21.75
N VAL A 88 -8.23 17.01 -21.40
CA VAL A 88 -7.47 18.22 -21.71
CA VAL A 88 -7.48 18.22 -21.69
C VAL A 88 -6.04 17.83 -22.00
N PRO A 89 -5.38 18.62 -22.86
CA PRO A 89 -3.96 18.34 -23.11
C PRO A 89 -3.14 18.63 -21.85
N ARG A 90 -2.05 17.89 -21.70
CA ARG A 90 -1.25 17.98 -20.46
C ARG A 90 0.21 17.82 -20.86
N ASN A 91 0.89 18.95 -21.07
CA ASN A 91 2.34 18.94 -21.25
C ASN A 91 3.02 18.98 -19.89
N ARG A 92 4.16 18.29 -19.79
CA ARG A 92 4.92 18.19 -18.53
C ARG A 92 4.02 17.62 -17.42
N ILE A 93 3.43 16.47 -17.73
CA ILE A 93 2.47 15.75 -16.90
C ILE A 93 3.19 14.87 -15.90
N GLY A 94 2.49 14.50 -14.83
CA GLY A 94 2.89 13.39 -13.99
C GLY A 94 1.81 12.31 -14.01
N VAL A 95 2.24 11.05 -13.91
CA VAL A 95 1.29 9.94 -13.87
C VAL A 95 1.70 8.92 -12.82
N GLY A 96 0.69 8.23 -12.27
CA GLY A 96 0.94 7.11 -11.37
C GLY A 96 -0.13 6.07 -11.57
N VAL A 97 0.13 4.88 -11.04
CA VAL A 97 -0.79 3.76 -11.21
C VAL A 97 -1.25 3.29 -9.83
N ILE A 98 -2.57 3.06 -9.72
CA ILE A 98 -3.20 2.54 -8.52
C ILE A 98 -4.24 1.52 -8.96
N ASP A 99 -4.13 0.29 -8.44
CA ASP A 99 -5.10 -0.77 -8.73
C ASP A 99 -5.35 -0.91 -10.24
N GLY A 100 -4.26 -0.87 -11.02
CA GLY A 100 -4.41 -0.96 -12.46
C GLY A 100 -5.13 0.18 -13.12
N HIS A 101 -5.27 1.32 -12.43
CA HIS A 101 -5.82 2.54 -13.02
C HIS A 101 -4.70 3.59 -13.15
N ILE A 102 -4.70 4.35 -14.25
CA ILE A 102 -3.68 5.38 -14.50
C ILE A 102 -4.23 6.73 -14.04
N TYR A 103 -3.50 7.41 -13.17
CA TYR A 103 -3.86 8.76 -12.75
C TYR A 103 -2.97 9.76 -13.46
N ALA A 104 -3.58 10.66 -14.23
CA ALA A 104 -2.88 11.73 -14.92
C ALA A 104 -3.01 13.00 -14.09
N VAL A 105 -1.89 13.66 -13.82
CA VAL A 105 -1.80 14.71 -12.80
C VAL A 105 -1.15 15.96 -13.38
N GLY A 106 -1.89 17.07 -13.35
CA GLY A 106 -1.30 18.39 -13.58
C GLY A 106 -0.95 18.63 -15.03
N GLY A 107 0.24 19.19 -15.23
CA GLY A 107 0.66 19.59 -16.56
C GLY A 107 0.04 20.89 -17.06
N SER A 108 0.41 21.29 -18.27
CA SER A 108 -0.08 22.54 -18.84
C SER A 108 -0.80 22.31 -20.16
N HIS A 109 -1.63 23.29 -20.52
CA HIS A 109 -2.22 23.41 -21.84
C HIS A 109 -2.11 24.88 -22.21
N GLY A 110 -1.19 25.20 -23.11
CA GLY A 110 -0.91 26.59 -23.41
C GLY A 110 -0.56 27.29 -22.13
N CYS A 111 -1.35 28.30 -21.78
CA CYS A 111 -1.12 29.06 -20.55
CA CYS A 111 -1.08 29.03 -20.55
C CYS A 111 -1.85 28.48 -19.36
N ILE A 112 -2.71 27.49 -19.56
CA ILE A 112 -3.40 26.86 -18.43
C ILE A 112 -2.41 25.99 -17.67
N HIS A 113 -2.33 26.18 -16.36
CA HIS A 113 -1.57 25.35 -15.45
C HIS A 113 -2.56 24.49 -14.67
N HIS A 114 -2.57 23.20 -14.94
CA HIS A 114 -3.64 22.38 -14.40
C HIS A 114 -3.44 22.16 -12.92
N ASN A 115 -4.58 22.13 -12.20
CA ASN A 115 -4.69 21.41 -10.94
C ASN A 115 -5.56 20.16 -11.09
N SER A 116 -6.23 20.00 -12.23
CA SER A 116 -7.11 18.85 -12.44
C SER A 116 -6.31 17.56 -12.56
N VAL A 117 -6.98 16.48 -12.20
CA VAL A 117 -6.46 15.13 -12.20
C VAL A 117 -7.55 14.25 -12.79
N GLU A 118 -7.17 13.31 -13.66
CA GLU A 118 -8.13 12.35 -14.19
C GLU A 118 -7.59 10.92 -14.11
N ARG A 119 -8.52 9.98 -14.09
CA ARG A 119 -8.22 8.56 -13.91
C ARG A 119 -8.62 7.79 -15.17
N TYR A 120 -7.70 7.00 -15.71
CA TYR A 120 -7.96 6.17 -16.88
C TYR A 120 -8.18 4.73 -16.44
N GLU A 121 -9.26 4.11 -16.93
CA GLU A 121 -9.53 2.70 -16.66
C GLU A 121 -9.29 1.86 -17.91
N PRO A 122 -8.20 1.07 -17.96
CA PRO A 122 -7.91 0.28 -19.17
C PRO A 122 -8.96 -0.76 -19.53
N GLU A 123 -9.67 -1.34 -18.57
CA GLU A 123 -10.63 -2.38 -18.95
C GLU A 123 -11.84 -1.80 -19.68
N ARG A 124 -12.07 -0.50 -19.60
CA ARG A 124 -13.17 0.15 -20.27
C ARG A 124 -12.71 1.27 -21.22
N ASP A 125 -11.40 1.51 -21.33
CA ASP A 125 -10.85 2.57 -22.17
C ASP A 125 -11.57 3.90 -21.94
N GLU A 126 -11.59 4.34 -20.68
CA GLU A 126 -12.36 5.51 -20.29
C GLU A 126 -11.60 6.36 -19.29
N TRP A 127 -11.67 7.68 -19.46
CA TRP A 127 -11.10 8.64 -18.53
C TRP A 127 -12.22 9.27 -17.71
N HIS A 128 -11.95 9.54 -16.43
CA HIS A 128 -12.91 10.17 -15.53
C HIS A 128 -12.21 11.17 -14.62
N LEU A 129 -12.82 12.34 -14.45
CA LEU A 129 -12.22 13.39 -13.62
C LEU A 129 -12.31 13.02 -12.14
N VAL A 130 -11.23 13.31 -11.40
CA VAL A 130 -11.28 13.11 -9.95
C VAL A 130 -11.06 14.46 -9.28
N ALA A 131 -10.82 14.45 -7.97
CA ALA A 131 -10.64 15.71 -7.26
C ALA A 131 -9.38 16.43 -7.73
N PRO A 132 -9.44 17.71 -8.04
CA PRO A 132 -8.24 18.42 -8.44
C PRO A 132 -7.31 18.63 -7.25
N MET A 133 -6.02 18.67 -7.55
CA MET A 133 -5.01 18.95 -6.53
C MET A 133 -5.28 20.29 -5.84
N LEU A 134 -4.69 20.45 -4.66
CA LEU A 134 -4.73 21.72 -3.95
C LEU A 134 -3.92 22.80 -4.65
N THR A 135 -3.05 22.42 -5.58
CA THR A 135 -2.11 23.30 -6.26
C THR A 135 -2.13 23.03 -7.77
N ARG A 136 -1.88 24.08 -8.55
CA ARG A 136 -1.62 23.89 -9.97
C ARG A 136 -0.16 23.52 -10.16
N ARG A 137 0.10 22.38 -10.80
CA ARG A 137 1.45 21.82 -10.88
C ARG A 137 1.75 21.34 -12.28
N ILE A 138 2.60 22.06 -12.99
CA ILE A 138 3.19 21.54 -14.21
CA ILE A 138 3.19 21.51 -14.20
C ILE A 138 4.63 21.17 -13.90
N GLY A 139 5.18 20.23 -14.66
CA GLY A 139 6.46 19.66 -14.29
C GLY A 139 6.39 18.92 -12.97
N VAL A 140 5.25 18.29 -12.67
CA VAL A 140 5.00 17.66 -11.37
C VAL A 140 5.56 16.24 -11.35
N GLY A 141 6.27 15.87 -10.29
CA GLY A 141 6.61 14.47 -10.03
C GLY A 141 5.47 13.75 -9.31
N VAL A 142 5.26 12.49 -9.66
CA VAL A 142 4.14 11.68 -9.17
C VAL A 142 4.66 10.31 -8.77
N ALA A 143 4.22 9.82 -7.61
CA ALA A 143 4.62 8.51 -7.13
C ALA A 143 3.47 7.90 -6.34
N VAL A 144 3.43 6.58 -6.32
CA VAL A 144 2.38 5.84 -5.63
C VAL A 144 3.03 5.01 -4.54
N LEU A 145 2.59 5.21 -3.31
CA LEU A 145 3.11 4.43 -2.21
C LEU A 145 1.95 3.99 -1.33
N ASN A 146 1.86 2.68 -1.11
CA ASN A 146 0.77 2.04 -0.37
C ASN A 146 -0.60 2.48 -0.89
N ARG A 147 -0.77 2.40 -2.22
CA ARG A 147 -2.01 2.73 -2.94
CA ARG A 147 -2.05 2.71 -2.87
C ARG A 147 -2.48 4.16 -2.67
N LEU A 148 -1.58 5.02 -2.23
CA LEU A 148 -1.82 6.46 -2.15
C LEU A 148 -0.98 7.14 -3.22
N LEU A 149 -1.52 8.23 -3.78
CA LEU A 149 -0.94 8.91 -4.93
C LEU A 149 -0.36 10.26 -4.53
N TYR A 150 0.96 10.43 -4.68
CA TYR A 150 1.67 11.60 -4.20
C TYR A 150 2.10 12.49 -5.37
N ALA A 151 1.81 13.78 -5.26
CA ALA A 151 2.19 14.76 -6.28
C ALA A 151 3.17 15.79 -5.69
N VAL A 152 4.38 15.88 -6.28
CA VAL A 152 5.57 16.46 -5.66
C VAL A 152 6.15 17.57 -6.51
N GLY A 153 6.51 18.71 -5.89
CA GLY A 153 7.18 19.81 -6.58
C GLY A 153 6.32 20.39 -7.71
N GLY A 154 7.00 20.82 -8.76
CA GLY A 154 6.33 21.40 -9.92
C GLY A 154 6.47 22.92 -10.02
N PHE A 155 5.69 23.47 -10.95
CA PHE A 155 5.67 24.90 -11.29
C PHE A 155 4.21 25.32 -11.45
N ASP A 156 3.80 26.38 -10.76
CA ASP A 156 2.39 26.76 -10.73
C ASP A 156 2.06 27.83 -11.76
N GLY A 157 2.99 28.14 -12.65
CA GLY A 157 2.83 29.24 -13.58
C GLY A 157 3.57 30.49 -13.17
N THR A 158 3.80 30.68 -11.87
CA THR A 158 4.46 31.86 -11.33
C THR A 158 5.62 31.44 -10.44
N ASN A 159 5.38 30.48 -9.55
CA ASN A 159 6.40 30.02 -8.61
C ASN A 159 6.64 28.53 -8.82
N ARG A 160 7.89 28.14 -8.61
CA ARG A 160 8.26 26.74 -8.50
C ARG A 160 8.10 26.26 -7.06
N LEU A 161 7.85 24.95 -6.90
CA LEU A 161 7.32 24.41 -5.65
C LEU A 161 8.23 23.36 -5.03
N ASN A 162 8.25 23.37 -3.69
CA ASN A 162 8.82 22.29 -2.90
C ASN A 162 7.75 21.54 -2.12
N SER A 163 6.50 22.01 -2.17
CA SER A 163 5.40 21.37 -1.48
C SER A 163 5.03 20.06 -2.16
N ALA A 164 4.40 19.16 -1.37
CA ALA A 164 3.87 17.91 -1.89
C ALA A 164 2.48 17.64 -1.30
N GLU A 165 1.62 17.00 -2.09
CA GLU A 165 0.28 16.61 -1.62
C GLU A 165 -0.01 15.14 -1.96
N CYS A 166 -1.00 14.59 -1.28
CA CYS A 166 -1.29 13.17 -1.39
CA CYS A 166 -1.30 13.16 -1.32
C CYS A 166 -2.77 12.96 -1.64
N TYR A 167 -3.09 12.11 -2.60
CA TYR A 167 -4.47 11.86 -3.00
C TYR A 167 -4.97 10.55 -2.42
N TYR A 168 -6.10 10.60 -1.69
CA TYR A 168 -6.78 9.41 -1.19
C TYR A 168 -7.91 9.00 -2.13
N PRO A 169 -7.76 7.92 -2.90
CA PRO A 169 -8.79 7.54 -3.89
C PRO A 169 -10.17 7.24 -3.34
N GLU A 170 -10.29 6.70 -2.14
CA GLU A 170 -11.62 6.31 -1.69
C GLU A 170 -12.35 7.54 -1.18
N ARG A 171 -11.66 8.36 -0.40
CA ARG A 171 -12.23 9.62 0.04
C ARG A 171 -12.27 10.65 -1.09
N ASN A 172 -11.60 10.38 -2.21
CA ASN A 172 -11.51 11.29 -3.35
C ASN A 172 -11.13 12.71 -2.92
N GLU A 173 -9.98 12.82 -2.26
CA GLU A 173 -9.55 14.13 -1.80
C GLU A 173 -8.05 14.19 -1.63
N TRP A 174 -7.54 15.41 -1.65
CA TRP A 174 -6.12 15.69 -1.56
C TRP A 174 -5.81 16.30 -0.20
N ARG A 175 -4.65 15.94 0.35
CA ARG A 175 -4.16 16.51 1.60
C ARG A 175 -2.68 16.82 1.44
N MET A 176 -2.28 17.98 1.95
CA MET A 176 -0.88 18.37 1.92
CA MET A 176 -0.88 18.38 1.93
C MET A 176 -0.07 17.54 2.90
N ILE A 177 1.11 17.13 2.47
CA ILE A 177 2.06 16.47 3.34
C ILE A 177 3.21 17.42 3.59
N THR A 178 4.13 17.00 4.45
CA THR A 178 5.42 17.67 4.61
C THR A 178 6.08 17.93 3.26
N ALA A 179 6.64 19.13 3.13
CA ALA A 179 7.25 19.54 1.87
C ALA A 179 8.70 19.09 1.78
N MET A 180 9.20 19.01 0.55
CA MET A 180 10.61 18.70 0.31
C MET A 180 11.51 19.78 0.91
N ASN A 181 12.79 19.41 1.10
CA ASN A 181 13.78 20.41 1.49
C ASN A 181 14.06 21.41 0.37
N THR A 182 13.88 21.01 -0.88
CA THR A 182 14.34 21.77 -2.03
C THR A 182 13.19 21.97 -3.02
N ILE A 183 13.08 23.18 -3.54
CA ILE A 183 12.12 23.49 -4.60
C ILE A 183 12.55 22.76 -5.87
N ARG A 184 11.62 22.03 -6.49
CA ARG A 184 11.94 21.21 -7.66
C ARG A 184 10.76 21.19 -8.61
N SER A 185 10.99 21.64 -9.83
CA SER A 185 10.15 21.30 -10.97
C SER A 185 10.96 20.43 -11.91
N GLY A 186 10.25 19.57 -12.64
CA GLY A 186 10.91 18.63 -13.52
C GLY A 186 11.89 17.69 -12.84
N ALA A 187 11.68 17.40 -11.56
CA ALA A 187 12.46 16.35 -10.92
C ALA A 187 11.95 14.97 -11.34
N GLY A 188 12.82 13.97 -11.17
CA GLY A 188 12.39 12.60 -11.25
C GLY A 188 11.92 12.11 -9.89
N VAL A 189 10.67 11.66 -9.84
CA VAL A 189 10.07 11.17 -8.62
C VAL A 189 9.65 9.72 -8.83
N CYS A 190 10.11 8.84 -7.95
CA CYS A 190 9.75 7.42 -8.05
C CYS A 190 9.63 6.85 -6.64
N VAL A 191 9.27 5.59 -6.57
CA VAL A 191 9.16 4.90 -5.29
CA VAL A 191 9.16 4.89 -5.29
C VAL A 191 10.13 3.72 -5.28
N LEU A 192 10.85 3.58 -4.18
CA LEU A 192 11.84 2.51 -4.06
C LEU A 192 11.87 2.02 -2.64
N HIS A 193 11.64 0.72 -2.46
CA HIS A 193 11.74 0.06 -1.16
C HIS A 193 11.04 0.86 -0.07
N ASN A 194 9.81 1.27 -0.38
CA ASN A 194 8.90 1.95 0.53
C ASN A 194 9.28 3.40 0.85
N CYS A 195 10.08 4.08 0.03
CA CYS A 195 10.22 5.52 0.18
C CYS A 195 10.09 6.20 -1.17
N ILE A 196 9.62 7.43 -1.14
CA ILE A 196 9.50 8.26 -2.33
C ILE A 196 10.81 8.99 -2.54
N TYR A 197 11.32 8.99 -3.77
CA TYR A 197 12.56 9.68 -4.08
C TYR A 197 12.25 10.82 -5.03
N ALA A 198 12.82 11.99 -4.78
CA ALA A 198 12.83 13.10 -5.72
C ALA A 198 14.28 13.40 -6.05
N ALA A 199 14.62 13.33 -7.33
CA ALA A 199 15.97 13.51 -7.83
C ALA A 199 16.02 14.65 -8.83
N GLY A 200 17.00 15.53 -8.65
CA GLY A 200 17.24 16.62 -9.57
C GLY A 200 16.04 17.52 -9.72
N GLY A 201 15.90 18.08 -10.92
CA GLY A 201 14.92 19.10 -11.17
C GLY A 201 15.47 20.51 -11.36
N TYR A 202 14.60 21.51 -11.18
CA TYR A 202 14.93 22.91 -11.45
C TYR A 202 14.27 23.77 -10.38
N ASP A 203 15.07 24.58 -9.70
CA ASP A 203 14.56 25.45 -8.65
C ASP A 203 14.33 26.88 -9.12
N GLY A 204 14.35 27.12 -10.43
CA GLY A 204 14.23 28.46 -10.98
C GLY A 204 15.55 29.20 -11.13
N GLN A 205 16.60 28.71 -10.55
CA GLN A 205 17.92 29.30 -10.77
C GLN A 205 18.93 28.28 -11.27
N ASP A 206 18.98 27.09 -10.68
CA ASP A 206 19.96 26.08 -11.07
CA ASP A 206 19.95 26.10 -11.13
C ASP A 206 19.26 24.76 -11.36
N GLN A 207 19.91 23.94 -12.18
CA GLN A 207 19.50 22.55 -12.26
C GLN A 207 20.14 21.81 -11.08
N LEU A 208 19.45 20.78 -10.59
CA LEU A 208 19.77 20.15 -9.32
C LEU A 208 20.37 18.75 -9.53
N ASN A 209 21.34 18.41 -8.69
CA ASN A 209 21.84 17.05 -8.61
C ASN A 209 21.45 16.40 -7.29
N SER A 210 20.86 17.15 -6.38
CA SER A 210 20.54 16.62 -5.08
C SER A 210 19.35 15.67 -5.20
N VAL A 211 19.27 14.76 -4.25
CA VAL A 211 18.23 13.74 -4.19
C VAL A 211 17.76 13.64 -2.74
N GLU A 212 16.45 13.68 -2.53
CA GLU A 212 15.90 13.49 -1.19
C GLU A 212 14.76 12.47 -1.25
N ARG A 213 14.58 11.74 -0.16
CA ARG A 213 13.61 10.65 -0.12
C ARG A 213 12.66 10.81 1.06
N TYR A 214 11.37 10.65 0.78
CA TYR A 214 10.33 10.86 1.78
C TYR A 214 9.99 9.54 2.48
N ASP A 215 9.77 9.63 3.80
CA ASP A 215 9.45 8.49 4.65
C ASP A 215 8.10 8.74 5.31
N VAL A 216 7.12 7.90 4.99
CA VAL A 216 5.76 8.09 5.50
CA VAL A 216 5.76 8.10 5.51
C VAL A 216 5.69 7.86 7.01
N GLU A 217 6.49 6.93 7.52
CA GLU A 217 6.40 6.65 8.95
C GLU A 217 6.86 7.86 9.76
N THR A 218 7.88 8.58 9.28
CA THR A 218 8.35 9.78 9.96
C THR A 218 7.81 11.05 9.32
N GLU A 219 7.10 10.93 8.19
CA GLU A 219 6.64 12.07 7.39
C GLU A 219 7.76 13.10 7.20
N THR A 220 8.91 12.61 6.75
CA THR A 220 10.09 13.46 6.65
C THR A 220 10.86 13.18 5.36
N TRP A 221 11.36 14.25 4.74
CA TRP A 221 12.27 14.12 3.61
C TRP A 221 13.71 14.21 4.10
N THR A 222 14.57 13.33 3.58
CA THR A 222 15.95 13.29 3.98
C THR A 222 16.80 13.25 2.71
N PHE A 223 17.91 14.00 2.70
CA PHE A 223 18.75 13.99 1.51
C PHE A 223 19.50 12.66 1.48
N VAL A 224 19.80 12.16 0.28
CA VAL A 224 20.65 10.99 0.14
C VAL A 224 21.78 11.41 -0.79
N ALA A 225 22.52 10.44 -1.31
CA ALA A 225 23.62 10.76 -2.21
C ALA A 225 23.10 11.44 -3.48
N PRO A 226 23.75 12.52 -3.92
CA PRO A 226 23.34 13.22 -5.13
C PRO A 226 23.95 12.61 -6.39
N MET A 227 23.22 12.77 -7.50
CA MET A 227 23.68 12.39 -8.83
C MET A 227 24.98 13.10 -9.19
N LYS A 228 25.73 12.49 -10.11
CA LYS A 228 26.95 13.12 -10.61
C LYS A 228 26.63 14.31 -11.48
N HIS A 229 25.50 14.29 -12.18
CA HIS A 229 25.15 15.33 -13.13
C HIS A 229 23.86 16.01 -12.70
N ARG A 230 23.92 17.33 -12.54
CA ARG A 230 22.71 18.11 -12.41
CA ARG A 230 22.70 18.09 -12.39
C ARG A 230 21.85 17.92 -13.65
N ARG A 231 20.54 17.86 -13.46
CA ARG A 231 19.66 17.63 -14.59
C ARG A 231 18.23 17.92 -14.18
N SER A 232 17.51 18.50 -15.14
CA SER A 232 16.10 18.83 -15.04
C SER A 232 15.39 18.13 -16.17
N ALA A 233 14.14 17.75 -15.94
CA ALA A 233 13.30 17.09 -16.94
C ALA A 233 13.94 15.79 -17.41
N LEU A 234 14.44 15.02 -16.44
CA LEU A 234 14.99 13.70 -16.59
C LEU A 234 13.89 12.63 -16.54
N GLY A 235 14.19 11.46 -17.09
CA GLY A 235 13.36 10.30 -16.87
C GLY A 235 13.86 9.48 -15.69
N ILE A 236 12.94 8.77 -15.02
CA ILE A 236 13.31 7.99 -13.85
C ILE A 236 12.48 6.71 -13.78
N THR A 237 13.11 5.64 -13.33
CA THR A 237 12.41 4.39 -13.13
C THR A 237 13.15 3.56 -12.09
N VAL A 238 12.53 2.46 -11.70
CA VAL A 238 13.14 1.49 -10.81
C VAL A 238 13.19 0.16 -11.54
N HIS A 239 14.38 -0.45 -11.54
CA HIS A 239 14.64 -1.75 -12.14
C HIS A 239 15.45 -2.58 -11.15
N GLN A 240 14.91 -3.74 -10.76
CA GLN A 240 15.56 -4.71 -9.87
CA GLN A 240 15.56 -4.71 -9.87
C GLN A 240 16.20 -4.03 -8.66
N GLY A 241 15.40 -3.26 -7.94
CA GLY A 241 15.87 -2.63 -6.72
C GLY A 241 16.78 -1.42 -6.86
N ARG A 242 16.94 -0.85 -8.05
CA ARG A 242 17.83 0.30 -8.20
C ARG A 242 17.16 1.37 -9.07
N ILE A 243 17.50 2.64 -8.78
CA ILE A 243 16.90 3.77 -9.49
C ILE A 243 17.75 4.10 -10.70
N TYR A 244 17.08 4.46 -11.79
CA TYR A 244 17.74 4.82 -13.04
C TYR A 244 17.25 6.20 -13.42
N VAL A 245 18.17 7.12 -13.72
CA VAL A 245 17.79 8.42 -14.25
C VAL A 245 18.35 8.54 -15.65
N LEU A 246 17.50 8.96 -16.58
CA LEU A 246 17.85 9.01 -17.99
C LEU A 246 17.79 10.47 -18.45
N GLY A 247 18.90 10.96 -19.00
CA GLY A 247 18.93 12.22 -19.72
C GLY A 247 18.58 13.44 -18.88
N GLY A 248 17.85 14.35 -19.51
CA GLY A 248 17.50 15.63 -18.92
C GLY A 248 18.36 16.75 -19.49
N TYR A 249 18.24 17.91 -18.83
CA TYR A 249 18.81 19.17 -19.30
C TYR A 249 19.57 19.82 -18.14
N ASP A 250 20.82 20.18 -18.38
CA ASP A 250 21.65 20.78 -17.34
C ASP A 250 21.87 22.30 -17.56
N GLY A 251 20.94 22.98 -18.25
CA GLY A 251 21.10 24.37 -18.57
C GLY A 251 21.98 24.69 -19.77
N HIS A 252 22.75 23.71 -20.27
CA HIS A 252 23.60 23.94 -21.44
C HIS A 252 23.40 22.89 -22.51
N THR A 253 22.99 21.69 -22.13
CA THR A 253 22.97 20.60 -23.10
C THR A 253 21.96 19.54 -22.70
N PHE A 254 21.46 18.85 -23.71
CA PHE A 254 20.54 17.75 -23.47
C PHE A 254 21.36 16.52 -23.15
N LEU A 255 21.20 16.03 -21.94
CA LEU A 255 22.02 14.94 -21.45
C LEU A 255 21.61 13.61 -22.10
N ASP A 256 22.60 12.75 -22.32
CA ASP A 256 22.36 11.35 -22.67
C ASP A 256 22.80 10.41 -21.55
N SER A 257 23.46 10.94 -20.52
CA SER A 257 23.95 10.14 -19.41
CA SER A 257 23.95 10.12 -19.42
C SER A 257 22.79 9.42 -18.71
N VAL A 258 23.05 8.20 -18.26
CA VAL A 258 22.09 7.42 -17.49
C VAL A 258 22.78 7.02 -16.20
N GLU A 259 22.25 7.49 -15.06
CA GLU A 259 22.83 7.14 -13.77
C GLU A 259 21.95 6.14 -13.03
N CYS A 260 22.58 5.39 -12.14
CA CYS A 260 21.93 4.29 -11.44
C CYS A 260 22.26 4.38 -9.96
N TYR A 261 21.23 4.42 -9.12
CA TYR A 261 21.40 4.54 -7.67
C TYR A 261 21.20 3.20 -6.98
N ASP A 262 22.15 2.82 -6.15
CA ASP A 262 22.05 1.62 -5.34
C ASP A 262 21.76 2.03 -3.90
N PRO A 263 20.55 1.77 -3.39
CA PRO A 263 20.23 2.22 -2.01
C PRO A 263 21.07 1.54 -0.96
N ASP A 264 21.59 0.36 -1.24
CA ASP A 264 22.31 -0.37 -0.21
C ASP A 264 23.66 0.28 0.08
N THR A 265 24.25 0.91 -0.92
CA THR A 265 25.48 1.66 -0.75
C THR A 265 25.30 3.16 -0.83
N ASP A 266 24.10 3.65 -1.11
CA ASP A 266 23.84 5.08 -1.25
C ASP A 266 24.85 5.70 -2.20
N THR A 267 24.97 5.12 -3.39
CA THR A 267 25.87 5.64 -4.41
C THR A 267 25.17 5.68 -5.76
N TRP A 268 25.54 6.68 -6.56
CA TRP A 268 25.13 6.78 -7.94
C TRP A 268 26.27 6.31 -8.85
N SER A 269 25.93 5.58 -9.89
CA SER A 269 26.89 5.17 -10.91
C SER A 269 26.37 5.53 -12.29
N GLU A 270 27.29 5.84 -13.20
CA GLU A 270 26.95 6.07 -14.60
C GLU A 270 27.09 4.74 -15.33
N VAL A 271 26.00 4.24 -15.88
CA VAL A 271 25.96 2.89 -16.40
C VAL A 271 25.88 2.85 -17.92
N THR A 272 25.23 3.82 -18.54
CA THR A 272 25.10 3.78 -19.99
C THR A 272 24.82 5.19 -20.48
N ARG A 273 24.83 5.32 -21.80
CA ARG A 273 24.50 6.56 -22.48
C ARG A 273 23.43 6.24 -23.49
N MET A 274 22.41 7.10 -23.55
CA MET A 274 21.36 6.95 -24.54
CA MET A 274 21.36 6.93 -24.54
C MET A 274 21.94 7.16 -25.93
N THR A 275 21.22 6.68 -26.94
CA THR A 275 21.72 6.84 -28.31
C THR A 275 21.83 8.32 -28.70
N SER A 276 21.12 9.21 -28.01
CA SER A 276 21.25 10.63 -28.25
C SER A 276 20.67 11.38 -27.06
N GLY A 277 21.22 12.56 -26.81
CA GLY A 277 20.79 13.35 -25.67
C GLY A 277 19.35 13.81 -25.83
N ARG A 278 18.63 13.86 -24.72
CA ARG A 278 17.24 14.30 -24.75
C ARG A 278 16.75 14.55 -23.33
N SER A 279 15.69 15.33 -23.22
CA SER A 279 14.98 15.59 -21.98
C SER A 279 13.47 15.35 -22.17
N GLY A 280 12.74 15.41 -21.06
CA GLY A 280 11.29 15.23 -21.14
C GLY A 280 10.83 13.89 -21.69
N VAL A 281 11.52 12.80 -21.34
CA VAL A 281 11.13 11.46 -21.81
C VAL A 281 10.02 10.88 -20.94
N GLY A 282 9.40 9.81 -21.43
CA GLY A 282 8.58 8.94 -20.61
C GLY A 282 9.32 7.63 -20.43
N VAL A 283 9.50 7.16 -19.20
CA VAL A 283 10.20 5.90 -19.00
CA VAL A 283 10.22 5.92 -18.96
C VAL A 283 9.39 5.00 -18.06
N ALA A 284 9.46 3.70 -18.33
CA ALA A 284 8.87 2.64 -17.51
C ALA A 284 9.55 1.33 -17.88
N VAL A 285 9.30 0.31 -17.05
CA VAL A 285 9.92 -1.00 -17.20
C VAL A 285 8.84 -2.02 -17.54
N THR A 286 9.15 -2.93 -18.46
CA THR A 286 8.24 -4.04 -18.77
C THR A 286 8.98 -5.12 -19.57
N THR B 7 -11.97 -18.64 6.76
CA THR B 7 -12.11 -18.54 8.20
C THR B 7 -11.77 -19.87 8.93
N ALA B 8 -10.91 -19.78 9.95
CA ALA B 8 -10.41 -20.96 10.65
C ALA B 8 -10.86 -20.96 12.10
N GLY B 9 -11.15 -22.16 12.62
CA GLY B 9 -11.54 -22.38 14.00
C GLY B 9 -12.81 -21.62 14.37
N GLY B 10 -12.92 -21.29 15.67
CA GLY B 10 -14.05 -20.56 16.20
C GLY B 10 -14.62 -21.25 17.42
N TYR B 11 -15.80 -20.79 17.86
CA TYR B 11 -16.39 -21.36 19.06
C TYR B 11 -17.91 -21.30 19.01
N PHE B 12 -18.52 -22.47 19.18
CA PHE B 12 -19.95 -22.58 19.44
C PHE B 12 -20.12 -23.83 20.29
N ARG B 13 -20.42 -23.63 21.57
CA ARG B 13 -20.56 -24.70 22.56
CA ARG B 13 -20.56 -24.68 22.58
C ARG B 13 -19.23 -25.39 22.87
N GLN B 14 -18.28 -25.32 21.94
CA GLN B 14 -16.89 -25.80 22.13
C GLN B 14 -16.04 -25.26 20.98
N SER B 15 -14.72 -25.35 21.13
CA SER B 15 -13.85 -24.88 20.05
C SER B 15 -14.05 -25.73 18.79
N LEU B 16 -13.66 -25.18 17.64
CA LEU B 16 -14.00 -25.76 16.34
C LEU B 16 -12.77 -25.99 15.45
N SER B 17 -12.89 -26.91 14.50
CA SER B 17 -11.82 -27.12 13.52
C SER B 17 -12.23 -26.75 12.10
N TYR B 18 -13.37 -26.09 11.92
CA TYR B 18 -13.81 -25.64 10.61
C TYR B 18 -12.74 -24.80 9.93
N LEU B 19 -12.49 -25.09 8.65
CA LEU B 19 -11.73 -24.22 7.78
C LEU B 19 -12.61 -24.03 6.57
N GLU B 20 -13.08 -22.80 6.36
CA GLU B 20 -14.10 -22.54 5.37
C GLU B 20 -13.74 -21.27 4.62
N ALA B 21 -13.68 -21.37 3.30
CA ALA B 21 -13.37 -20.23 2.46
C ALA B 21 -14.66 -19.63 1.91
N TYR B 22 -14.63 -18.33 1.64
CA TYR B 22 -15.77 -17.58 1.16
C TYR B 22 -15.38 -16.84 -0.10
N ASN B 23 -16.35 -16.68 -1.00
CA ASN B 23 -16.12 -16.04 -2.30
C ASN B 23 -17.19 -14.97 -2.51
N PRO B 24 -16.81 -13.69 -2.53
CA PRO B 24 -17.84 -12.64 -2.61
C PRO B 24 -18.52 -12.56 -3.97
N SER B 25 -17.86 -12.96 -5.07
CA SER B 25 -18.47 -12.89 -6.38
CA SER B 25 -18.47 -12.89 -6.38
C SER B 25 -19.75 -13.71 -6.42
N ASP B 26 -19.62 -15.02 -6.58
CA ASP B 26 -20.79 -15.90 -6.54
C ASP B 26 -21.33 -16.11 -5.12
N GLY B 27 -20.76 -15.46 -4.10
CA GLY B 27 -21.25 -15.67 -2.74
C GLY B 27 -21.13 -17.09 -2.25
N THR B 28 -20.14 -17.84 -2.75
CA THR B 28 -20.05 -19.27 -2.49
C THR B 28 -19.19 -19.56 -1.27
N TRP B 29 -19.70 -20.43 -0.40
CA TRP B 29 -18.95 -21.02 0.71
C TRP B 29 -18.48 -22.41 0.32
N LEU B 30 -17.33 -22.82 0.85
CA LEU B 30 -16.85 -24.18 0.64
C LEU B 30 -16.02 -24.63 1.82
N ARG B 31 -16.30 -25.85 2.28
CA ARG B 31 -15.59 -26.42 3.42
C ARG B 31 -14.26 -27.02 2.96
N LEU B 32 -13.19 -26.76 3.69
CA LEU B 32 -11.91 -27.37 3.39
C LEU B 32 -11.49 -28.28 4.53
N ALA B 33 -10.25 -28.75 4.49
CA ALA B 33 -9.76 -29.65 5.52
C ALA B 33 -9.82 -28.99 6.89
N ASP B 34 -10.20 -29.77 7.88
CA ASP B 34 -10.30 -29.27 9.24
C ASP B 34 -8.91 -29.04 9.83
N LEU B 35 -8.86 -28.14 10.81
CA LEU B 35 -7.67 -27.98 11.63
C LEU B 35 -7.34 -29.30 12.32
N GLN B 36 -6.04 -29.58 12.46
CA GLN B 36 -5.59 -30.75 13.21
C GLN B 36 -6.12 -30.72 14.63
N VAL B 37 -6.11 -29.54 15.24
CA VAL B 37 -6.56 -29.32 16.61
C VAL B 37 -7.59 -28.21 16.60
N PRO B 38 -8.75 -28.39 17.21
CA PRO B 38 -9.74 -27.29 17.30
C PRO B 38 -9.17 -26.11 18.07
N ARG B 39 -9.70 -24.93 17.73
CA ARG B 39 -9.15 -23.66 18.19
C ARG B 39 -10.21 -22.57 18.13
N SER B 40 -10.28 -21.77 19.18
CA SER B 40 -10.91 -20.46 19.20
C SER B 40 -9.94 -19.44 19.79
N GLY B 41 -10.24 -18.16 19.56
CA GLY B 41 -9.34 -17.11 19.96
C GLY B 41 -8.01 -17.16 19.23
N LEU B 42 -7.95 -17.82 18.09
CA LEU B 42 -6.76 -17.85 17.27
C LEU B 42 -6.78 -16.67 16.30
N ALA B 43 -5.69 -16.53 15.55
CA ALA B 43 -5.63 -15.55 14.48
C ALA B 43 -5.14 -16.22 13.20
N GLY B 44 -5.50 -15.63 12.07
CA GLY B 44 -5.05 -16.14 10.79
C GLY B 44 -4.36 -15.07 9.98
N CYS B 45 -3.35 -15.49 9.22
CA CYS B 45 -2.66 -14.59 8.32
C CYS B 45 -2.15 -15.35 7.12
N VAL B 46 -1.48 -14.63 6.22
CA VAL B 46 -1.04 -15.10 4.91
C VAL B 46 0.39 -14.64 4.70
N VAL B 47 1.22 -15.52 4.17
CA VAL B 47 2.58 -15.19 3.77
C VAL B 47 2.83 -15.93 2.47
N GLY B 48 2.89 -15.20 1.37
CA GLY B 48 3.19 -15.80 0.08
C GLY B 48 2.24 -16.90 -0.34
N GLY B 49 0.97 -16.81 0.06
CA GLY B 49 -0.01 -17.83 -0.24
C GLY B 49 -0.21 -18.86 0.86
N LEU B 50 0.77 -19.03 1.74
CA LEU B 50 0.66 -19.99 2.82
C LEU B 50 -0.22 -19.40 3.92
N LEU B 51 -1.32 -20.09 4.24
CA LEU B 51 -2.20 -19.66 5.32
C LEU B 51 -1.65 -20.14 6.66
N TYR B 52 -1.68 -19.27 7.66
CA TYR B 52 -1.13 -19.62 8.98
C TYR B 52 -2.21 -19.46 10.04
N ALA B 53 -2.36 -20.47 10.88
CA ALA B 53 -3.22 -20.38 12.06
C ALA B 53 -2.32 -20.33 13.28
N VAL B 54 -2.50 -19.28 14.10
CA VAL B 54 -1.60 -18.95 15.19
C VAL B 54 -2.40 -18.88 16.49
N GLY B 55 -1.80 -19.39 17.56
CA GLY B 55 -2.32 -19.37 18.92
C GLY B 55 -3.73 -19.93 19.05
N GLY B 56 -4.45 -19.38 20.02
CA GLY B 56 -5.81 -19.78 20.32
C GLY B 56 -5.86 -20.71 21.51
N ARG B 57 -6.97 -21.42 21.63
CA ARG B 57 -7.04 -22.45 22.66
C ARG B 57 -8.10 -23.47 22.28
N ASN B 58 -8.00 -24.64 22.90
CA ASN B 58 -8.96 -25.72 22.67
C ASN B 58 -9.83 -25.81 23.90
N ASN B 59 -11.03 -25.27 23.81
CA ASN B 59 -12.00 -25.27 24.90
C ASN B 59 -13.02 -26.35 24.60
N SER B 60 -12.93 -27.46 25.33
CA SER B 60 -13.67 -28.68 25.00
C SER B 60 -14.22 -29.32 26.27
N PRO B 61 -15.13 -30.32 26.14
CA PRO B 61 -15.68 -30.95 27.35
C PRO B 61 -14.63 -31.59 28.23
N ASP B 62 -13.42 -31.79 27.72
CA ASP B 62 -12.35 -32.40 28.47
C ASP B 62 -11.13 -31.51 28.71
N GLY B 63 -11.20 -30.22 28.38
CA GLY B 63 -9.99 -29.42 28.50
C GLY B 63 -10.19 -27.99 28.09
N ASN B 64 -9.14 -27.20 28.31
CA ASN B 64 -9.06 -25.76 27.99
C ASN B 64 -7.62 -25.38 27.69
N THR B 65 -7.02 -26.02 26.70
CA THR B 65 -5.58 -25.91 26.50
C THR B 65 -5.22 -24.72 25.60
N ASP B 66 -4.52 -23.73 26.16
CA ASP B 66 -4.01 -22.62 25.36
C ASP B 66 -2.96 -23.13 24.38
N SER B 67 -2.92 -22.51 23.20
CA SER B 67 -2.10 -23.02 22.11
C SER B 67 -0.89 -22.14 21.87
N SER B 68 0.28 -22.79 21.75
CA SER B 68 1.47 -22.14 21.23
C SER B 68 1.76 -22.58 19.81
N ALA B 69 0.79 -23.20 19.16
CA ALA B 69 0.98 -23.83 17.85
C ALA B 69 0.94 -22.84 16.71
N LEU B 70 1.68 -23.15 15.66
CA LEU B 70 1.59 -22.50 14.36
C LEU B 70 1.33 -23.57 13.31
N ASP B 71 0.30 -23.38 12.49
CA ASP B 71 -0.09 -24.40 11.51
C ASP B 71 -0.29 -23.75 10.16
N CYS B 72 0.50 -24.18 9.17
CA CYS B 72 0.43 -23.63 7.82
C CYS B 72 -0.47 -24.51 6.96
N TYR B 73 -1.52 -23.90 6.42
CA TYR B 73 -2.39 -24.54 5.44
C TYR B 73 -1.91 -24.17 4.04
N ASN B 74 -1.84 -25.16 3.15
CA ASN B 74 -1.41 -24.93 1.78
C ASN B 74 -2.60 -24.99 0.83
N PRO B 75 -3.00 -23.88 0.20
CA PRO B 75 -4.15 -23.93 -0.72
C PRO B 75 -3.91 -24.81 -1.93
N MET B 76 -2.66 -25.19 -2.17
CA MET B 76 -2.33 -26.07 -3.29
C MET B 76 -2.63 -27.53 -2.96
N THR B 77 -2.17 -27.97 -1.79
CA THR B 77 -2.29 -29.35 -1.37
C THR B 77 -3.55 -29.63 -0.56
N ASN B 78 -4.24 -28.60 -0.10
CA ASN B 78 -5.25 -28.73 0.94
C ASN B 78 -4.72 -29.61 2.08
N GLN B 79 -3.60 -29.19 2.65
CA GLN B 79 -3.00 -29.89 3.76
C GLN B 79 -2.54 -28.90 4.82
N TRP B 80 -2.79 -29.24 6.08
CA TRP B 80 -2.19 -28.56 7.22
C TRP B 80 -0.85 -29.22 7.56
N SER B 81 0.08 -28.42 8.06
CA SER B 81 1.40 -28.91 8.43
C SER B 81 1.92 -28.11 9.61
N PRO B 82 2.52 -28.78 10.60
CA PRO B 82 2.93 -28.09 11.83
C PRO B 82 4.25 -27.35 11.63
N CYS B 83 4.23 -26.07 11.98
CA CYS B 83 5.42 -25.23 12.04
C CYS B 83 5.78 -24.99 13.49
N ALA B 84 7.02 -24.58 13.72
CA ALA B 84 7.54 -24.54 15.08
C ALA B 84 6.59 -23.79 16.01
N PRO B 85 6.34 -24.32 17.21
CA PRO B 85 5.49 -23.60 18.17
C PRO B 85 6.16 -22.33 18.67
N MET B 86 5.34 -21.45 19.23
CA MET B 86 5.84 -20.19 19.74
C MET B 86 6.46 -20.36 21.12
N SER B 87 7.07 -19.28 21.60
CA SER B 87 7.73 -19.34 22.89
C SER B 87 6.76 -19.73 23.99
N VAL B 88 5.49 -19.34 23.86
CA VAL B 88 4.51 -19.46 24.94
CA VAL B 88 4.51 -19.46 24.94
C VAL B 88 3.14 -19.66 24.31
N PRO B 89 2.18 -20.28 25.00
CA PRO B 89 0.82 -20.34 24.44
C PRO B 89 0.21 -18.95 24.40
N ARG B 90 -0.58 -18.69 23.37
CA ARG B 90 -1.21 -17.39 23.19
C ARG B 90 -2.69 -17.56 22.85
N ASN B 91 -3.55 -17.43 23.84
CA ASN B 91 -4.99 -17.43 23.60
C ASN B 91 -5.47 -15.99 23.41
N ARG B 92 -6.33 -15.77 22.41
CA ARG B 92 -6.82 -14.43 22.08
C ARG B 92 -5.66 -13.55 21.63
N ILE B 93 -4.94 -14.06 20.67
CA ILE B 93 -3.71 -13.52 20.14
C ILE B 93 -4.05 -12.55 19.03
N GLY B 94 -3.10 -11.66 18.73
CA GLY B 94 -3.16 -10.84 17.54
C GLY B 94 -1.93 -11.11 16.71
N VAL B 95 -2.08 -11.04 15.39
CA VAL B 95 -0.97 -11.34 14.50
C VAL B 95 -0.86 -10.24 13.45
N GLY B 96 0.37 -9.94 13.08
CA GLY B 96 0.60 -9.11 11.93
C GLY B 96 1.85 -9.62 11.25
N VAL B 97 1.90 -9.40 9.94
CA VAL B 97 3.03 -9.85 9.15
C VAL B 97 3.68 -8.62 8.53
N ILE B 98 4.96 -8.44 8.86
CA ILE B 98 5.86 -7.51 8.18
C ILE B 98 7.14 -8.27 7.82
N ASP B 99 7.72 -7.96 6.65
CA ASP B 99 9.10 -8.34 6.32
C ASP B 99 9.16 -9.80 5.84
N GLY B 100 8.02 -10.36 5.41
CA GLY B 100 7.88 -11.80 5.31
C GLY B 100 7.95 -12.54 6.63
N HIS B 101 7.74 -11.87 7.76
CA HIS B 101 7.92 -12.44 9.09
C HIS B 101 6.62 -12.37 9.89
N ILE B 102 6.40 -13.41 10.69
CA ILE B 102 5.20 -13.51 11.53
C ILE B 102 5.41 -12.77 12.83
N TYR B 103 4.45 -11.94 13.22
CA TYR B 103 4.50 -11.28 14.52
C TYR B 103 3.34 -11.78 15.37
N ALA B 104 3.66 -12.48 16.47
CA ALA B 104 2.65 -12.95 17.42
C ALA B 104 2.65 -12.01 18.61
N VAL B 105 1.47 -11.54 18.99
CA VAL B 105 1.38 -10.35 19.83
C VAL B 105 0.38 -10.61 20.94
N GLY B 106 0.84 -10.53 22.18
CA GLY B 106 -0.07 -10.57 23.30
C GLY B 106 -0.72 -11.94 23.47
N GLY B 107 -2.00 -11.93 23.82
CA GLY B 107 -2.70 -13.15 24.14
C GLY B 107 -2.41 -13.64 25.55
N SER B 108 -3.10 -14.69 25.95
CA SER B 108 -2.97 -15.17 27.32
C SER B 108 -2.56 -16.64 27.36
N HIS B 109 -2.27 -17.05 28.59
CA HIS B 109 -1.94 -18.42 28.92
C HIS B 109 -2.21 -18.55 30.41
N GLY B 110 -3.23 -19.32 30.77
CA GLY B 110 -3.70 -19.29 32.14
C GLY B 110 -4.06 -17.87 32.52
N CYS B 111 -3.72 -17.48 33.74
CA CYS B 111 -3.97 -16.12 34.17
CA CYS B 111 -3.94 -16.12 34.20
C CYS B 111 -2.89 -15.15 33.69
N ILE B 112 -1.89 -15.62 32.94
CA ILE B 112 -0.86 -14.73 32.43
C ILE B 112 -1.38 -14.02 31.20
N HIS B 113 -1.25 -12.68 31.20
CA HIS B 113 -1.58 -11.84 30.05
C HIS B 113 -0.26 -11.32 29.47
N HIS B 114 0.04 -11.74 28.24
CA HIS B 114 1.34 -11.43 27.65
C HIS B 114 1.41 -9.98 27.20
N ASN B 115 2.49 -9.30 27.56
CA ASN B 115 2.95 -8.19 26.74
C ASN B 115 4.05 -8.65 25.80
N SER B 116 4.46 -9.92 25.91
CA SER B 116 5.43 -10.56 25.05
C SER B 116 5.02 -10.41 23.60
N VAL B 117 6.01 -10.21 22.73
CA VAL B 117 5.85 -10.30 21.27
C VAL B 117 7.01 -11.14 20.74
N GLU B 118 6.74 -12.02 19.78
CA GLU B 118 7.80 -12.79 19.16
C GLU B 118 7.59 -12.88 17.66
N ARG B 119 8.69 -13.12 16.96
CA ARG B 119 8.77 -13.00 15.51
C ARG B 119 9.16 -14.35 14.94
N TYR B 120 8.44 -14.80 13.91
CA TYR B 120 8.72 -16.05 13.23
C TYR B 120 9.20 -15.78 11.82
N GLU B 121 10.30 -16.44 11.42
CA GLU B 121 10.79 -16.46 10.07
C GLU B 121 10.47 -17.80 9.43
N PRO B 122 9.83 -17.82 8.26
CA PRO B 122 9.50 -19.09 7.61
C PRO B 122 10.69 -19.78 6.94
N GLU B 123 11.58 -18.99 6.33
CA GLU B 123 12.73 -19.57 5.65
C GLU B 123 13.61 -20.38 6.59
N ARG B 124 13.60 -20.04 7.88
CA ARG B 124 14.37 -20.76 8.89
C ARG B 124 13.50 -21.46 9.93
N ASP B 125 12.18 -21.27 9.88
CA ASP B 125 11.25 -21.94 10.80
C ASP B 125 11.59 -21.63 12.25
N GLU B 126 11.87 -20.35 12.54
CA GLU B 126 12.40 -19.92 13.81
C GLU B 126 11.46 -18.93 14.50
N TRP B 127 11.49 -18.95 15.83
CA TRP B 127 10.84 -17.92 16.65
C TRP B 127 11.89 -17.22 17.48
N HIS B 128 11.74 -15.91 17.66
CA HIS B 128 12.59 -15.16 18.56
C HIS B 128 11.77 -14.03 19.19
N LEU B 129 12.08 -13.73 20.44
CA LEU B 129 11.38 -12.68 21.17
C LEU B 129 11.92 -11.32 20.76
N VAL B 130 11.03 -10.46 20.30
CA VAL B 130 11.36 -9.07 20.01
C VAL B 130 10.99 -8.29 21.26
N ALA B 131 10.90 -6.97 21.14
CA ALA B 131 10.64 -6.15 22.32
C ALA B 131 9.19 -6.32 22.77
N PRO B 132 8.95 -6.34 24.09
CA PRO B 132 7.57 -6.44 24.58
C PRO B 132 6.79 -5.13 24.45
N MET B 133 5.47 -5.28 24.43
CA MET B 133 4.61 -4.11 24.36
C MET B 133 4.72 -3.30 25.66
N LEU B 134 4.24 -2.06 25.61
CA LEU B 134 4.09 -1.28 26.83
C LEU B 134 2.93 -1.79 27.69
N THR B 135 1.99 -2.49 27.07
CA THR B 135 0.78 -2.94 27.73
C THR B 135 0.67 -4.44 27.58
N ARG B 136 0.17 -5.11 28.61
CA ARG B 136 -0.27 -6.50 28.45
C ARG B 136 -1.57 -6.46 27.67
N ARG B 137 -1.70 -7.32 26.65
CA ARG B 137 -2.84 -7.19 25.74
C ARG B 137 -3.25 -8.56 25.24
N ILE B 138 -4.38 -9.06 25.73
CA ILE B 138 -5.09 -10.17 25.11
CA ILE B 138 -5.07 -10.17 25.06
C ILE B 138 -6.35 -9.61 24.46
N GLY B 139 -6.91 -10.35 23.51
CA GLY B 139 -8.02 -9.80 22.77
C GLY B 139 -7.62 -8.60 21.96
N VAL B 140 -6.37 -8.56 21.53
CA VAL B 140 -5.76 -7.38 20.92
C VAL B 140 -5.98 -7.43 19.41
N GLY B 141 -6.26 -6.27 18.83
CA GLY B 141 -6.25 -6.12 17.39
C GLY B 141 -4.90 -5.64 16.90
N VAL B 142 -4.46 -6.21 15.79
CA VAL B 142 -3.11 -6.00 15.28
C VAL B 142 -3.23 -5.68 13.80
N ALA B 143 -2.64 -4.58 13.38
CA ALA B 143 -2.64 -4.21 11.98
C ALA B 143 -1.27 -3.67 11.61
N VAL B 144 -1.01 -3.67 10.31
CA VAL B 144 0.27 -3.31 9.75
C VAL B 144 0.06 -2.19 8.75
N LEU B 145 0.75 -1.08 8.97
CA LEU B 145 0.78 -0.04 7.95
C LEU B 145 2.15 0.60 7.90
N ASN B 146 2.60 0.91 6.68
CA ASN B 146 3.88 1.58 6.42
C ASN B 146 5.03 0.78 7.04
N ARG B 147 4.90 -0.55 6.95
CA ARG B 147 5.86 -1.52 7.48
CA ARG B 147 5.88 -1.49 7.47
C ARG B 147 6.04 -1.37 8.99
N LEU B 148 5.03 -0.87 9.68
CA LEU B 148 5.10 -0.72 11.12
C LEU B 148 3.87 -1.37 11.75
N LEU B 149 4.08 -1.96 12.93
CA LEU B 149 3.08 -2.79 13.59
C LEU B 149 2.22 -1.98 14.56
N TYR B 150 0.93 -2.25 14.57
CA TYR B 150 -0.02 -1.57 15.45
C TYR B 150 -0.73 -2.60 16.32
N ALA B 151 -0.73 -2.37 17.64
CA ALA B 151 -1.50 -3.16 18.59
C ALA B 151 -2.59 -2.28 19.18
N VAL B 152 -3.85 -2.72 19.08
CA VAL B 152 -5.00 -1.86 19.35
C VAL B 152 -5.91 -2.55 20.35
N GLY B 153 -6.24 -1.85 21.43
CA GLY B 153 -7.27 -2.29 22.29
C GLY B 153 -6.83 -3.47 23.11
N GLY B 154 -7.84 -4.21 23.57
CA GLY B 154 -7.59 -5.41 24.34
C GLY B 154 -7.88 -5.29 25.82
N PHE B 155 -7.26 -6.19 26.59
CA PHE B 155 -7.49 -6.41 28.01
C PHE B 155 -6.15 -6.77 28.63
N ASP B 156 -5.80 -6.12 29.73
CA ASP B 156 -4.48 -6.30 30.37
C ASP B 156 -4.55 -7.29 31.53
N GLY B 157 -5.70 -7.88 31.75
CA GLY B 157 -5.96 -8.65 32.94
C GLY B 157 -6.85 -7.94 33.94
N THR B 158 -7.03 -6.62 33.80
CA THR B 158 -7.81 -5.88 34.79
C THR B 158 -8.64 -4.80 34.12
N ASN B 159 -8.02 -4.06 33.20
CA ASN B 159 -8.70 -3.01 32.46
C ASN B 159 -8.82 -3.40 30.99
N ARG B 160 -10.01 -3.18 30.43
CA ARG B 160 -10.19 -3.12 28.99
C ARG B 160 -9.55 -1.82 28.51
N LEU B 161 -9.17 -1.79 27.23
CA LEU B 161 -8.21 -0.84 26.71
C LEU B 161 -8.75 -0.13 25.48
N ASN B 162 -8.54 1.19 25.43
CA ASN B 162 -8.65 1.97 24.20
C ASN B 162 -7.30 2.41 23.66
N SER B 163 -6.21 2.15 24.39
CA SER B 163 -4.86 2.48 23.97
C SER B 163 -4.44 1.67 22.75
N ALA B 164 -3.49 2.24 22.01
CA ALA B 164 -2.89 1.64 20.83
C ALA B 164 -1.43 2.05 20.82
N GLU B 165 -0.56 1.12 20.45
CA GLU B 165 0.87 1.37 20.39
C GLU B 165 1.39 0.84 19.07
N CYS B 166 2.51 1.42 18.65
CA CYS B 166 3.13 1.14 17.37
CA CYS B 166 3.12 1.13 17.37
C CYS B 166 4.52 0.59 17.61
N TYR B 167 4.86 -0.46 16.86
CA TYR B 167 6.12 -1.16 17.03
C TYR B 167 7.05 -0.72 15.92
N TYR B 168 8.27 -0.36 16.29
CA TYR B 168 9.27 0.08 15.32
C TYR B 168 10.29 -1.01 15.07
N PRO B 169 10.22 -1.72 13.94
CA PRO B 169 11.13 -2.86 13.74
C PRO B 169 12.60 -2.46 13.85
N GLU B 170 12.96 -1.27 13.36
CA GLU B 170 14.37 -0.95 13.15
C GLU B 170 15.09 -0.54 14.43
N ARG B 171 14.36 -0.33 15.54
CA ARG B 171 15.05 -0.08 16.80
C ARG B 171 14.42 -0.81 17.98
N ASN B 172 13.58 -1.80 17.73
CA ASN B 172 13.00 -2.69 18.75
C ASN B 172 12.38 -1.90 19.91
N GLU B 173 11.36 -1.13 19.54
CA GLU B 173 10.76 -0.16 20.43
C GLU B 173 9.27 -0.02 20.12
N TRP B 174 8.50 0.21 21.18
CA TRP B 174 7.07 0.41 21.08
C TRP B 174 6.80 1.84 21.48
N ARG B 175 5.86 2.45 20.81
CA ARG B 175 5.49 3.82 21.10
C ARG B 175 3.97 3.86 21.18
N MET B 176 3.43 4.61 22.17
CA MET B 176 1.98 4.66 22.43
CA MET B 176 1.98 4.68 22.44
C MET B 176 1.37 5.78 21.61
N ILE B 177 0.59 5.43 20.58
CA ILE B 177 0.01 6.50 19.77
C ILE B 177 -1.26 7.02 20.44
N THR B 178 -2.08 7.76 19.68
CA THR B 178 -3.31 8.32 20.23
C THR B 178 -4.31 7.21 20.47
N ALA B 179 -4.94 7.24 21.64
CA ALA B 179 -5.91 6.21 21.96
C ALA B 179 -7.23 6.41 21.19
N MET B 180 -7.96 5.30 21.06
CA MET B 180 -9.27 5.27 20.42
C MET B 180 -10.26 6.09 21.24
N ASN B 181 -11.39 6.41 20.61
CA ASN B 181 -12.49 7.04 21.31
C ASN B 181 -13.34 6.03 22.09
N THR B 182 -13.23 4.75 21.78
CA THR B 182 -13.99 3.72 22.48
C THR B 182 -13.05 2.67 23.04
N ILE B 183 -13.35 2.21 24.25
CA ILE B 183 -12.61 1.10 24.86
C ILE B 183 -13.10 -0.19 24.21
N ARG B 184 -12.19 -0.91 23.55
CA ARG B 184 -12.52 -2.08 22.73
C ARG B 184 -11.62 -3.25 23.08
N SER B 185 -12.21 -4.31 23.61
CA SER B 185 -11.53 -5.59 23.72
C SER B 185 -12.25 -6.60 22.85
N GLY B 186 -11.48 -7.42 22.14
CA GLY B 186 -12.04 -8.36 21.19
C GLY B 186 -12.63 -7.76 19.93
N ALA B 187 -12.29 -6.51 19.61
CA ALA B 187 -12.73 -5.92 18.36
C ALA B 187 -12.10 -6.65 17.18
N GLY B 188 -12.59 -6.35 15.97
CA GLY B 188 -11.90 -6.69 14.75
C GLY B 188 -11.20 -5.46 14.23
N VAL B 189 -9.91 -5.60 13.94
CA VAL B 189 -9.04 -4.48 13.59
C VAL B 189 -8.30 -4.81 12.30
N CYS B 190 -8.34 -3.90 11.32
CA CYS B 190 -7.58 -4.11 10.09
C CYS B 190 -7.08 -2.77 9.54
N VAL B 191 -6.52 -2.83 8.34
CA VAL B 191 -6.01 -1.66 7.66
CA VAL B 191 -5.98 -1.68 7.64
C VAL B 191 -6.70 -1.56 6.31
N LEU B 192 -7.10 -0.35 5.95
CA LEU B 192 -7.79 -0.13 4.69
C LEU B 192 -7.42 1.26 4.17
N HIS B 193 -7.01 1.33 2.92
CA HIS B 193 -6.83 2.60 2.23
C HIS B 193 -5.58 3.37 2.69
N ASN B 194 -5.23 3.20 3.97
CA ASN B 194 -4.09 3.75 4.71
C ASN B 194 -4.61 4.26 6.05
N CYS B 195 -5.77 3.76 6.45
CA CYS B 195 -6.37 3.98 7.76
C CYS B 195 -6.43 2.65 8.51
N ILE B 196 -6.52 2.76 9.83
CA ILE B 196 -6.63 1.60 10.71
C ILE B 196 -8.06 1.55 11.22
N TYR B 197 -8.78 0.50 10.88
CA TYR B 197 -10.17 0.38 11.29
C TYR B 197 -10.28 -0.49 12.53
N ALA B 198 -11.14 -0.10 13.46
CA ALA B 198 -11.46 -0.92 14.63
C ALA B 198 -12.97 -1.02 14.73
N ALA B 199 -13.49 -2.26 14.75
CA ALA B 199 -14.92 -2.50 14.69
C ALA B 199 -15.38 -3.39 15.84
N GLY B 200 -16.42 -2.96 16.53
CA GLY B 200 -17.05 -3.72 17.58
C GLY B 200 -16.13 -3.93 18.75
N GLY B 201 -16.38 -5.02 19.48
CA GLY B 201 -15.61 -5.37 20.66
C GLY B 201 -16.48 -5.33 21.91
N TYR B 202 -15.80 -5.37 23.05
CA TYR B 202 -16.46 -5.38 24.36
C TYR B 202 -15.77 -4.34 25.23
N ASP B 203 -16.56 -3.39 25.76
CA ASP B 203 -16.04 -2.26 26.52
C ASP B 203 -16.14 -2.48 28.04
N GLY B 204 -16.34 -3.71 28.48
CA GLY B 204 -16.55 -3.98 29.89
C GLY B 204 -17.99 -4.01 30.33
N GLN B 205 -18.93 -3.69 29.45
CA GLN B 205 -20.34 -3.63 29.84
C GLN B 205 -21.26 -4.07 28.70
N ASP B 206 -20.94 -3.74 27.46
CA ASP B 206 -21.76 -4.11 26.32
CA ASP B 206 -21.75 -4.22 26.35
C ASP B 206 -20.88 -4.36 25.10
N GLN B 207 -21.28 -5.29 24.25
CA GLN B 207 -20.65 -5.42 22.94
C GLN B 207 -20.97 -4.21 22.09
N LEU B 208 -20.00 -3.79 21.27
CA LEU B 208 -20.14 -2.58 20.48
C LEU B 208 -20.47 -2.89 19.03
N ASN B 209 -21.24 -2.00 18.41
CA ASN B 209 -21.37 -1.97 16.97
C ASN B 209 -20.66 -0.78 16.34
N SER B 210 -20.09 0.11 17.16
CA SER B 210 -19.44 1.29 16.61
C SER B 210 -18.18 0.89 15.88
N VAL B 211 -17.80 1.71 14.92
CA VAL B 211 -16.61 1.49 14.12
C VAL B 211 -15.89 2.83 14.01
N GLU B 212 -14.57 2.81 14.11
CA GLU B 212 -13.78 4.02 14.01
C GLU B 212 -12.44 3.70 13.38
N ARG B 213 -11.91 4.68 12.64
CA ARG B 213 -10.68 4.50 11.89
C ARG B 213 -9.66 5.56 12.28
N TYR B 214 -8.39 5.16 12.30
CA TYR B 214 -7.28 6.00 12.70
C TYR B 214 -6.61 6.53 11.44
N ASP B 215 -6.57 7.87 11.29
CA ASP B 215 -5.80 8.55 10.26
C ASP B 215 -4.39 8.81 10.79
N VAL B 216 -3.37 8.31 10.10
CA VAL B 216 -2.04 8.36 10.71
CA VAL B 216 -2.01 8.34 10.65
C VAL B 216 -1.43 9.75 10.56
N GLU B 217 -1.71 10.47 9.49
CA GLU B 217 -1.04 11.76 9.30
C GLU B 217 -1.64 12.85 10.16
N THR B 218 -2.94 12.77 10.48
CA THR B 218 -3.55 13.65 11.47
C THR B 218 -3.53 13.06 12.87
N GLU B 219 -3.13 11.80 13.01
CA GLU B 219 -3.03 11.11 14.30
C GLU B 219 -4.35 11.18 15.06
N THR B 220 -5.44 10.86 14.35
CA THR B 220 -6.78 11.09 14.86
C THR B 220 -7.68 9.89 14.59
N TRP B 221 -8.48 9.51 15.58
CA TRP B 221 -9.52 8.51 15.39
C TRP B 221 -10.83 9.22 15.10
N THR B 222 -11.56 8.71 14.10
CA THR B 222 -12.85 9.23 13.65
C THR B 222 -13.82 8.06 13.51
N PHE B 223 -15.04 8.24 14.02
CA PHE B 223 -16.08 7.22 13.87
C PHE B 223 -16.60 7.18 12.44
N VAL B 224 -17.02 5.99 12.00
CA VAL B 224 -17.53 5.75 10.65
C VAL B 224 -18.91 5.11 10.74
N ALA B 225 -19.41 4.60 9.62
CA ALA B 225 -20.65 3.86 9.67
C ALA B 225 -20.54 2.68 10.63
N PRO B 226 -21.43 2.54 11.60
CA PRO B 226 -21.42 1.35 12.45
C PRO B 226 -22.03 0.15 11.72
N MET B 227 -21.71 -1.03 12.24
CA MET B 227 -22.29 -2.27 11.75
C MET B 227 -23.74 -2.40 12.18
N LYS B 228 -24.47 -3.28 11.49
CA LYS B 228 -25.86 -3.56 11.86
C LYS B 228 -25.94 -4.11 13.28
N HIS B 229 -25.32 -5.25 13.52
CA HIS B 229 -25.43 -5.89 14.83
C HIS B 229 -24.08 -5.93 15.57
N ARG B 230 -24.11 -5.41 16.80
CA ARG B 230 -22.96 -5.43 17.71
CA ARG B 230 -22.90 -5.41 17.62
C ARG B 230 -22.33 -6.82 17.73
N ARG B 231 -21.00 -6.87 17.83
CA ARG B 231 -20.34 -8.15 17.83
C ARG B 231 -19.00 -8.02 18.51
N SER B 232 -18.66 -9.03 19.31
CA SER B 232 -17.36 -9.13 19.96
C SER B 232 -16.68 -10.41 19.51
N ALA B 233 -15.36 -10.45 19.62
CA ALA B 233 -14.56 -11.62 19.19
C ALA B 233 -14.91 -12.00 17.75
N LEU B 234 -14.84 -11.02 16.87
CA LEU B 234 -15.24 -11.18 15.49
C LEU B 234 -14.01 -11.30 14.60
N GLY B 235 -14.18 -12.05 13.51
CA GLY B 235 -13.16 -12.12 12.48
C GLY B 235 -13.32 -10.95 11.51
N ILE B 236 -12.18 -10.46 11.01
CA ILE B 236 -12.15 -9.29 10.13
C ILE B 236 -11.13 -9.53 9.02
N THR B 237 -11.39 -8.94 7.85
CA THR B 237 -10.45 -9.02 6.75
C THR B 237 -10.73 -7.94 5.70
N VAL B 238 -9.77 -7.77 4.79
CA VAL B 238 -9.87 -6.85 3.65
C VAL B 238 -9.71 -7.65 2.36
N HIS B 239 -10.65 -7.49 1.43
CA HIS B 239 -10.57 -8.14 0.13
C HIS B 239 -10.90 -7.14 -0.98
N GLN B 240 -9.96 -7.00 -1.92
CA GLN B 240 -10.08 -6.08 -3.05
CA GLN B 240 -10.13 -6.10 -3.05
C GLN B 240 -10.64 -4.72 -2.64
N GLY B 241 -10.22 -4.22 -1.49
CA GLY B 241 -10.58 -2.86 -1.11
C GLY B 241 -11.86 -2.69 -0.34
N ARG B 242 -12.51 -3.77 0.12
CA ARG B 242 -13.58 -3.65 1.09
C ARG B 242 -13.22 -4.53 2.30
N ILE B 243 -14.02 -4.43 3.36
CA ILE B 243 -13.73 -5.11 4.61
C ILE B 243 -14.93 -5.92 5.06
N TYR B 244 -14.67 -7.12 5.56
CA TYR B 244 -15.71 -8.05 5.95
C TYR B 244 -15.49 -8.48 7.40
N VAL B 245 -16.54 -8.41 8.21
CA VAL B 245 -16.53 -8.92 9.57
C VAL B 245 -17.47 -10.12 9.65
N LEU B 246 -17.05 -11.15 10.37
CA LEU B 246 -17.80 -12.41 10.36
C LEU B 246 -17.81 -13.05 11.74
N GLY B 247 -19.00 -13.45 12.18
CA GLY B 247 -19.14 -14.11 13.45
C GLY B 247 -19.08 -13.16 14.63
N GLY B 248 -18.89 -13.75 15.80
CA GLY B 248 -18.76 -13.00 17.03
C GLY B 248 -19.94 -13.22 17.97
N TYR B 249 -19.78 -12.68 19.18
CA TYR B 249 -20.75 -12.80 20.26
C TYR B 249 -21.28 -11.41 20.60
N ASP B 250 -22.56 -11.36 20.95
CA ASP B 250 -23.23 -10.09 21.24
C ASP B 250 -23.89 -10.08 22.61
N GLY B 251 -23.53 -11.01 23.49
CA GLY B 251 -24.08 -11.06 24.83
C GLY B 251 -25.13 -12.13 25.04
N HIS B 252 -25.64 -12.74 23.98
CA HIS B 252 -26.63 -13.80 24.17
C HIS B 252 -26.77 -14.71 22.94
N THR B 253 -25.93 -14.51 21.92
CA THR B 253 -26.03 -15.27 20.68
C THR B 253 -24.70 -15.25 19.94
N PHE B 254 -24.30 -16.41 19.43
CA PHE B 254 -23.13 -16.54 18.58
C PHE B 254 -23.56 -16.28 17.14
N LEU B 255 -23.20 -15.13 16.61
CA LEU B 255 -23.70 -14.75 15.30
C LEU B 255 -23.11 -15.60 14.19
N ASP B 256 -23.87 -15.73 13.12
CA ASP B 256 -23.39 -16.25 11.85
C ASP B 256 -23.38 -15.18 10.77
N SER B 257 -23.85 -13.98 11.06
CA SER B 257 -23.92 -12.93 10.05
CA SER B 257 -23.92 -12.94 10.05
C SER B 257 -22.53 -12.49 9.64
N VAL B 258 -22.42 -12.07 8.37
CA VAL B 258 -21.20 -11.48 7.84
C VAL B 258 -21.58 -10.15 7.21
N GLU B 259 -20.96 -9.09 7.69
CA GLU B 259 -21.20 -7.73 7.25
C GLU B 259 -20.00 -7.23 6.45
N CYS B 260 -20.26 -6.31 5.53
CA CYS B 260 -19.23 -5.80 4.64
C CYS B 260 -19.28 -4.28 4.61
N TYR B 261 -18.13 -3.66 4.48
CA TYR B 261 -18.04 -2.20 4.52
C TYR B 261 -17.44 -1.68 3.22
N ASP B 262 -18.02 -0.60 2.71
CA ASP B 262 -17.59 0.07 1.50
C ASP B 262 -16.96 1.39 1.90
N PRO B 263 -15.67 1.63 1.66
CA PRO B 263 -15.08 2.91 2.09
C PRO B 263 -15.45 4.08 1.19
N ASP B 264 -15.95 3.83 -0.02
CA ASP B 264 -16.35 4.94 -0.89
C ASP B 264 -17.71 5.51 -0.49
N THR B 265 -18.57 4.71 0.15
CA THR B 265 -19.92 5.15 0.49
C THR B 265 -20.21 5.13 1.98
N ASP B 266 -19.28 4.68 2.81
CA ASP B 266 -19.49 4.55 4.24
C ASP B 266 -20.74 3.71 4.55
N THR B 267 -20.71 2.46 4.10
CA THR B 267 -21.92 1.64 4.10
C THR B 267 -21.61 0.23 4.59
N TRP B 268 -22.45 -0.28 5.48
CA TRP B 268 -22.28 -1.62 6.05
C TRP B 268 -23.38 -2.54 5.53
N SER B 269 -22.97 -3.64 4.91
CA SER B 269 -23.88 -4.51 4.19
C SER B 269 -23.76 -5.93 4.72
N GLU B 270 -24.86 -6.66 4.67
CA GLU B 270 -24.87 -8.10 4.95
C GLU B 270 -24.63 -8.83 3.65
N VAL B 271 -23.42 -9.34 3.45
CA VAL B 271 -23.12 -10.06 2.22
C VAL B 271 -23.50 -11.53 2.35
N THR B 272 -23.29 -12.13 3.51
CA THR B 272 -23.26 -13.58 3.64
C THR B 272 -23.82 -13.97 4.99
N ARG B 273 -23.87 -15.27 5.21
CA ARG B 273 -23.94 -15.85 6.54
C ARG B 273 -23.00 -17.04 6.56
N MET B 274 -22.34 -17.26 7.69
CA MET B 274 -21.52 -18.44 7.86
CA MET B 274 -21.52 -18.45 7.82
C MET B 274 -22.40 -19.69 7.96
N THR B 275 -21.78 -20.86 7.76
CA THR B 275 -22.53 -22.11 7.86
C THR B 275 -23.03 -22.35 9.28
N SER B 276 -22.26 -21.92 10.27
CA SER B 276 -22.62 -22.05 11.67
C SER B 276 -22.29 -20.76 12.39
N GLY B 277 -23.11 -20.41 13.38
CA GLY B 277 -22.78 -19.28 14.24
C GLY B 277 -21.61 -19.63 15.13
N ARG B 278 -20.75 -18.63 15.37
CA ARG B 278 -19.53 -18.88 16.13
C ARG B 278 -18.85 -17.54 16.42
N SER B 279 -17.80 -17.61 17.25
CA SER B 279 -16.97 -16.48 17.59
C SER B 279 -15.51 -16.93 17.65
N GLY B 280 -14.61 -15.97 17.82
CA GLY B 280 -13.20 -16.26 18.05
C GLY B 280 -12.47 -16.92 16.90
N VAL B 281 -12.86 -16.60 15.66
CA VAL B 281 -12.22 -17.22 14.50
C VAL B 281 -10.97 -16.45 14.10
N GLY B 282 -10.12 -17.12 13.32
CA GLY B 282 -9.08 -16.47 12.55
C GLY B 282 -9.53 -16.37 11.10
N VAL B 283 -9.11 -15.30 10.44
CA VAL B 283 -9.59 -14.96 9.10
CA VAL B 283 -9.57 -15.02 9.09
C VAL B 283 -8.43 -14.36 8.32
N ALA B 284 -8.36 -14.68 7.02
CA ALA B 284 -7.28 -14.20 6.16
C ALA B 284 -7.69 -14.44 4.72
N VAL B 285 -6.97 -13.81 3.79
CA VAL B 285 -7.28 -13.89 2.37
C VAL B 285 -6.09 -14.47 1.62
N THR B 286 -6.34 -15.52 0.85
CA THR B 286 -5.32 -16.03 -0.06
C THR B 286 -5.99 -16.77 -1.19
N GLY C 1 -19.01 -18.24 28.60
CA GLY C 1 -18.81 -17.57 29.81
C GLY C 1 -18.46 -16.15 29.61
N ALA C 2 -17.17 -15.91 29.41
CA ALA C 2 -16.64 -14.56 29.26
C ALA C 2 -17.56 -13.75 28.36
N PRO C 3 -17.99 -12.57 28.81
CA PRO C 3 -18.90 -11.76 28.01
C PRO C 3 -18.29 -11.37 26.68
N GLU C 4 -16.97 -11.42 26.57
CA GLU C 4 -16.25 -10.89 25.43
C GLU C 4 -16.12 -11.92 24.31
N THR C 5 -15.75 -13.16 24.64
CA THR C 5 -15.67 -14.21 23.64
C THR C 5 -16.90 -15.12 23.62
N GLY C 6 -17.57 -15.27 24.76
CA GLY C 6 -18.73 -16.13 24.90
C GLY C 6 -18.44 -17.56 25.33
N GLU C 7 -17.20 -17.86 25.67
CA GLU C 7 -16.76 -19.24 25.82
C GLU C 7 -16.82 -19.83 27.22
#